data_9J3M
#
_entry.id   9J3M
#
_cell.length_a   1.00
_cell.length_b   1.00
_cell.length_c   1.00
_cell.angle_alpha   90.00
_cell.angle_beta   90.00
_cell.angle_gamma   90.00
#
_symmetry.space_group_name_H-M   'P 1'
#
loop_
_entity.id
_entity.type
_entity.pdbx_description
1 polymer 'ADP,ATP carrier protein 1, chloroplastic'
2 polymer 'nanobody: B-D7'
3 non-polymer "ADENOSINE-5'-DIPHOSPHATE"
4 non-polymer 'PHOSPHATE ION'
#
loop_
_entity_poly.entity_id
_entity_poly.type
_entity_poly.pdbx_seq_one_letter_code
_entity_poly.pdbx_strand_id
1 'polypeptide(L)'
;MAGAVFGEGDSAAVVASPKIFGVEVATLKKIIPLGLMFFCILFNYTILRDTKDVLVVTAKGSSAEIIPFLKTWVNLPMAI
GFMLLYTKLSNVLSKKALFYTVIVPFIIYFGAFGFVMYPLSNYIHPEALADKLLTTLGPRFMGPIAILRIWSFCLFYVMA
ELWGSVVVSVLFWGFANQITTVDEAKKFYPLFGLGANVALIFSGRTVKYFSNLRKNLGPGVDGWAVSLKAMMSIVVGMGL
AICLLYWWVNRYVPLPTRSKNKKEKPKMGTMESLKFLVSSPYIRDLATLVVAYGISINLVEVTWKSKLKAQFPSPNEYSA
FMGDFSTCTGVATFTMMLLSQYVFNKYGWGVAAKITPTVLLLTGVAFFSLILFGGPFAPLVAKLGMTPLLAAVYVGALQN
IFSKSAKYSLFDPCKEMAYIPLDEDTKVKGKAAIDVVCNPLGKSGGALIQQFMILSFGSLANSTPYLGMILLVIVTAWLA
AAKSLEGQFNSLRSEEELEKEMERASSVKIPVVSQDESGNGSLGESPSSSPEKSAPTNLVDELTSRGRGSGGLNDIFEAQ
KIEWHEGSGLEVLFQGPDYKDDDDKWSHPQFEKGGGGSGGSAWSHPQFEK
;
A
2 'polypeptide(L)'
;EVQLVESGGGLVQAGGSLRLSCAASGFPVDEAYMTWYRQAPGKEREWVAAIYSSGYTRYADSVKGRFTISRDNSKNTVYL
QMNSLKPEDTAVYYCNVKDYVYNTYLYDYWGQGTQVTVSS
;
B
#
loop_
_chem_comp.id
_chem_comp.type
_chem_comp.name
_chem_comp.formula
ADP non-polymer ADENOSINE-5'-DIPHOSPHATE 'C10 H15 N5 O10 P2'
PO4 non-polymer 'PHOSPHATE ION' 'O4 P -3'
#
# COMPACT_ATOMS: atom_id res chain seq x y z
N ALA A 16 -44.97 -19.51 16.60
CA ALA A 16 -44.41 -18.97 17.83
C ALA A 16 -42.90 -18.80 17.71
N SER A 17 -42.47 -18.21 16.61
CA SER A 17 -41.05 -17.99 16.38
C SER A 17 -40.52 -16.94 17.34
N PRO A 18 -39.47 -17.22 18.10
CA PRO A 18 -38.94 -16.23 19.04
C PRO A 18 -38.32 -15.04 18.32
N LYS A 19 -38.21 -13.94 19.05
CA LYS A 19 -37.76 -12.66 18.52
C LYS A 19 -36.71 -12.04 19.45
N ILE A 20 -35.68 -12.82 19.78
CA ILE A 20 -34.58 -12.39 20.64
C ILE A 20 -34.08 -11.00 20.24
N PHE A 21 -34.00 -10.10 21.22
CA PHE A 21 -33.56 -8.71 21.02
C PHE A 21 -34.46 -7.95 20.06
N GLY A 22 -35.71 -8.39 19.90
CA GLY A 22 -36.61 -7.78 18.93
C GLY A 22 -36.39 -8.23 17.50
N VAL A 23 -35.44 -9.12 17.26
CA VAL A 23 -35.11 -9.61 15.92
C VAL A 23 -35.41 -11.10 15.88
N GLU A 24 -36.04 -11.55 14.80
CA GLU A 24 -36.44 -12.94 14.67
C GLU A 24 -35.22 -13.86 14.72
N VAL A 25 -35.40 -15.02 15.38
CA VAL A 25 -34.32 -15.99 15.49
C VAL A 25 -34.03 -16.72 14.20
N ALA A 26 -34.87 -16.55 13.17
CA ALA A 26 -34.56 -17.08 11.85
C ALA A 26 -33.68 -16.12 11.05
N THR A 27 -33.94 -14.82 11.15
CA THR A 27 -33.05 -13.84 10.54
C THR A 27 -31.74 -13.74 11.30
N LEU A 28 -31.77 -13.96 12.62
CA LEU A 28 -30.54 -13.91 13.41
C LEU A 28 -29.56 -14.99 12.96
N LYS A 29 -30.06 -16.19 12.64
CA LYS A 29 -29.20 -17.23 12.11
C LYS A 29 -28.64 -16.88 10.74
N LYS A 30 -29.19 -15.85 10.09
CA LYS A 30 -28.68 -15.38 8.80
C LYS A 30 -27.77 -14.17 8.92
N ILE A 31 -28.04 -13.28 9.86
CA ILE A 31 -27.26 -12.05 10.00
C ILE A 31 -26.05 -12.23 10.90
N ILE A 32 -26.21 -12.96 12.02
CA ILE A 32 -25.08 -13.17 12.93
C ILE A 32 -23.90 -13.86 12.23
N PRO A 33 -24.09 -14.96 11.50
CA PRO A 33 -22.95 -15.56 10.78
C PRO A 33 -22.51 -14.76 9.56
N LEU A 34 -23.27 -13.75 9.14
CA LEU A 34 -22.89 -12.93 8.00
C LEU A 34 -22.02 -11.75 8.42
N GLY A 35 -22.38 -11.06 9.51
CA GLY A 35 -21.50 -10.05 10.07
C GLY A 35 -20.29 -10.62 10.77
N LEU A 36 -20.37 -11.86 11.24
CA LEU A 36 -19.21 -12.55 11.77
C LEU A 36 -18.24 -12.95 10.67
N MET A 37 -18.77 -13.26 9.48
CA MET A 37 -17.91 -13.53 8.33
C MET A 37 -17.20 -12.26 7.86
N PHE A 38 -17.94 -11.17 7.70
CA PHE A 38 -17.35 -9.90 7.30
C PHE A 38 -16.40 -9.36 8.35
N PHE A 39 -16.56 -9.79 9.60
CA PHE A 39 -15.55 -9.57 10.63
C PHE A 39 -14.27 -10.33 10.29
N CYS A 40 -14.40 -11.63 9.99
CA CYS A 40 -13.24 -12.44 9.67
C CYS A 40 -12.61 -12.03 8.34
N ILE A 41 -13.43 -11.56 7.40
CA ILE A 41 -12.91 -11.17 6.10
C ILE A 41 -12.03 -9.93 6.23
N LEU A 42 -12.52 -8.92 6.95
CA LEU A 42 -11.71 -7.72 7.19
C LEU A 42 -10.65 -7.93 8.27
N PHE A 43 -10.74 -9.01 9.04
CA PHE A 43 -9.64 -9.37 9.93
C PHE A 43 -8.42 -9.81 9.13
N ASN A 44 -8.64 -10.66 8.12
CA ASN A 44 -7.54 -11.09 7.26
C ASN A 44 -6.99 -9.93 6.45
N TYR A 45 -7.87 -9.09 5.90
CA TYR A 45 -7.42 -7.98 5.06
C TYR A 45 -6.58 -6.99 5.87
N THR A 46 -6.95 -6.75 7.12
CA THR A 46 -6.16 -5.88 7.97
C THR A 46 -4.74 -6.43 8.17
N ILE A 47 -4.61 -7.74 8.32
CA ILE A 47 -3.29 -8.35 8.39
C ILE A 47 -2.60 -8.30 7.03
N LEU A 48 -3.33 -8.60 5.95
CA LEU A 48 -2.73 -8.71 4.64
C LEU A 48 -2.33 -7.35 4.07
N ARG A 49 -3.24 -6.38 4.10
CA ARG A 49 -2.93 -5.07 3.54
C ARG A 49 -1.87 -4.33 4.35
N ASP A 50 -1.69 -4.70 5.62
CA ASP A 50 -0.59 -4.17 6.40
C ASP A 50 0.72 -4.88 6.04
N THR A 51 0.68 -6.21 5.96
CA THR A 51 1.88 -6.98 5.67
C THR A 51 2.40 -6.72 4.26
N LYS A 52 1.49 -6.52 3.29
CA LYS A 52 1.91 -6.31 1.91
C LYS A 52 2.73 -5.02 1.77
N ASP A 53 2.42 -3.99 2.56
CA ASP A 53 3.24 -2.79 2.55
C ASP A 53 4.56 -3.01 3.28
N VAL A 54 4.53 -3.73 4.41
CA VAL A 54 5.76 -4.07 5.11
C VAL A 54 6.68 -4.88 4.21
N LEU A 55 6.11 -5.66 3.30
CA LEU A 55 6.88 -6.61 2.52
C LEU A 55 7.60 -5.96 1.35
N VAL A 56 6.92 -5.06 0.64
CA VAL A 56 7.52 -4.48 -0.57
C VAL A 56 8.22 -3.16 -0.28
N VAL A 57 7.83 -2.45 0.79
CA VAL A 57 8.42 -1.15 1.07
C VAL A 57 9.72 -1.29 1.87
N THR A 58 9.73 -2.19 2.85
CA THR A 58 10.87 -2.34 3.74
C THR A 58 11.82 -3.46 3.32
N ALA A 59 11.66 -3.99 2.11
CA ALA A 59 12.61 -4.98 1.61
C ALA A 59 13.93 -4.29 1.25
N LYS A 60 14.96 -5.12 1.05
CA LYS A 60 16.29 -4.62 0.73
C LYS A 60 16.38 -4.34 -0.77
N GLY A 61 16.75 -3.11 -1.11
CA GLY A 61 16.80 -2.69 -2.49
C GLY A 61 15.52 -2.07 -3.02
N SER A 62 14.45 -2.06 -2.22
CA SER A 62 13.18 -1.47 -2.62
C SER A 62 12.85 -0.30 -1.70
N SER A 63 11.94 0.55 -2.16
CA SER A 63 11.47 1.70 -1.41
C SER A 63 9.95 1.76 -1.55
N ALA A 64 9.37 2.90 -1.17
CA ALA A 64 7.95 3.11 -1.41
C ALA A 64 7.67 3.59 -2.83
N GLU A 65 8.72 3.78 -3.64
CA GLU A 65 8.54 4.11 -5.04
C GLU A 65 8.27 2.89 -5.90
N ILE A 66 8.31 1.69 -5.32
CA ILE A 66 7.81 0.51 -6.02
C ILE A 66 6.29 0.53 -6.15
N ILE A 67 5.60 1.18 -5.21
CA ILE A 67 4.14 1.21 -5.15
C ILE A 67 3.55 1.86 -6.41
N PRO A 68 4.08 2.99 -6.92
CA PRO A 68 3.57 3.49 -8.19
C PRO A 68 3.71 2.50 -9.34
N PHE A 69 4.75 1.67 -9.33
CA PHE A 69 4.95 0.70 -10.39
C PHE A 69 4.29 -0.63 -10.08
N LEU A 70 4.11 -0.96 -8.80
CA LEU A 70 3.37 -2.16 -8.42
C LEU A 70 1.92 -2.07 -8.87
N LYS A 71 1.29 -0.90 -8.66
CA LYS A 71 -0.15 -0.80 -8.84
C LYS A 71 -0.54 -0.74 -10.32
N THR A 72 0.30 -0.16 -11.17
CA THR A 72 -0.05 0.02 -12.57
C THR A 72 0.33 -1.16 -13.45
N TRP A 73 1.52 -1.72 -13.26
CA TRP A 73 2.01 -2.76 -14.15
C TRP A 73 1.84 -4.17 -13.59
N VAL A 74 1.64 -4.32 -12.28
CA VAL A 74 1.48 -5.61 -11.65
C VAL A 74 0.08 -5.76 -11.05
N ASN A 75 -0.31 -4.84 -10.19
CA ASN A 75 -1.60 -4.96 -9.49
C ASN A 75 -2.79 -4.69 -10.40
N LEU A 76 -2.61 -3.83 -11.42
CA LEU A 76 -3.74 -3.49 -12.29
C LEU A 76 -4.07 -4.62 -13.26
N PRO A 77 -3.11 -5.15 -14.04
CA PRO A 77 -3.46 -6.23 -14.97
C PRO A 77 -3.84 -7.53 -14.28
N MET A 78 -3.36 -7.78 -13.06
CA MET A 78 -3.80 -8.97 -12.33
C MET A 78 -5.23 -8.83 -11.83
N ALA A 79 -5.67 -7.60 -11.55
CA ALA A 79 -7.07 -7.37 -11.22
C ALA A 79 -7.97 -7.54 -12.44
N ILE A 80 -7.53 -7.02 -13.60
CA ILE A 80 -8.26 -7.27 -14.84
C ILE A 80 -8.22 -8.75 -15.19
N GLY A 81 -7.07 -9.41 -14.99
CA GLY A 81 -6.98 -10.83 -15.22
C GLY A 81 -7.89 -11.63 -14.31
N PHE A 82 -8.07 -11.19 -13.07
CA PHE A 82 -8.97 -11.90 -12.16
C PHE A 82 -10.43 -11.67 -12.55
N MET A 83 -10.77 -10.42 -12.92
CA MET A 83 -12.12 -10.14 -13.40
C MET A 83 -12.54 -11.10 -14.51
N LEU A 84 -11.68 -11.27 -15.52
CA LEU A 84 -12.03 -12.14 -16.63
C LEU A 84 -12.11 -13.60 -16.17
N LEU A 85 -11.21 -14.01 -15.28
CA LEU A 85 -11.25 -15.38 -14.77
C LEU A 85 -12.48 -15.60 -13.87
N TYR A 86 -12.79 -14.63 -13.00
CA TYR A 86 -13.94 -14.77 -12.13
C TYR A 86 -15.24 -14.76 -12.92
N THR A 87 -15.30 -13.96 -13.99
CA THR A 87 -16.48 -13.96 -14.85
C THR A 87 -16.60 -15.26 -15.63
N LYS A 88 -15.48 -15.79 -16.11
CA LYS A 88 -15.50 -17.10 -16.76
C LYS A 88 -15.85 -18.21 -15.75
N LEU A 89 -15.36 -18.10 -14.52
CA LEU A 89 -15.67 -19.08 -13.49
C LEU A 89 -17.12 -19.00 -13.02
N SER A 90 -17.77 -17.85 -13.20
CA SER A 90 -19.13 -17.69 -12.69
C SER A 90 -20.13 -18.56 -13.45
N ASN A 91 -19.86 -18.86 -14.71
CA ASN A 91 -20.78 -19.64 -15.55
C ASN A 91 -20.33 -21.07 -15.75
N VAL A 92 -19.34 -21.53 -14.96
CA VAL A 92 -18.94 -22.93 -14.98
C VAL A 92 -19.10 -23.60 -13.63
N LEU A 93 -19.19 -22.85 -12.54
CA LEU A 93 -19.30 -23.40 -11.19
C LEU A 93 -20.56 -22.88 -10.52
N SER A 94 -21.04 -23.63 -9.53
CA SER A 94 -22.20 -23.19 -8.76
C SER A 94 -21.83 -21.97 -7.89
N LYS A 95 -22.86 -21.35 -7.33
CA LYS A 95 -22.62 -20.23 -6.42
C LYS A 95 -21.82 -20.67 -5.20
N LYS A 96 -22.14 -21.85 -4.67
CA LYS A 96 -21.35 -22.40 -3.56
C LYS A 96 -19.92 -22.66 -3.99
N ALA A 97 -19.73 -23.34 -5.13
CA ALA A 97 -18.39 -23.69 -5.57
C ALA A 97 -17.58 -22.47 -5.97
N LEU A 98 -18.24 -21.44 -6.52
CA LEU A 98 -17.52 -20.23 -6.92
C LEU A 98 -16.89 -19.55 -5.71
N PHE A 99 -17.56 -19.59 -4.55
CA PHE A 99 -16.98 -19.00 -3.35
C PHE A 99 -15.71 -19.72 -2.92
N TYR A 100 -15.74 -21.05 -2.93
CA TYR A 100 -14.60 -21.81 -2.43
C TYR A 100 -13.43 -21.76 -3.41
N THR A 101 -13.70 -21.93 -4.70
CA THR A 101 -12.62 -21.92 -5.68
C THR A 101 -11.96 -20.56 -5.84
N VAL A 102 -12.47 -19.53 -5.18
CA VAL A 102 -11.84 -18.22 -5.20
C VAL A 102 -11.11 -17.99 -3.88
N ILE A 103 -11.74 -18.38 -2.77
CA ILE A 103 -11.20 -18.05 -1.45
C ILE A 103 -10.24 -19.10 -0.90
N VAL A 104 -10.38 -20.37 -1.30
CA VAL A 104 -9.46 -21.41 -0.87
C VAL A 104 -8.06 -21.19 -1.45
N PRO A 105 -7.90 -20.90 -2.74
CA PRO A 105 -6.55 -20.58 -3.25
C PRO A 105 -5.89 -19.42 -2.52
N PHE A 106 -6.68 -18.45 -2.07
CA PHE A 106 -6.12 -17.38 -1.24
C PHE A 106 -5.60 -17.94 0.07
N ILE A 107 -6.37 -18.83 0.72
CA ILE A 107 -5.94 -19.40 1.99
C ILE A 107 -4.69 -20.25 1.81
N ILE A 108 -4.64 -21.04 0.74
CA ILE A 108 -3.46 -21.87 0.49
C ILE A 108 -2.24 -21.01 0.21
N TYR A 109 -2.41 -19.95 -0.57
CA TYR A 109 -1.28 -19.09 -0.92
C TYR A 109 -0.69 -18.43 0.32
N PHE A 110 -1.53 -17.76 1.12
CA PHE A 110 -1.01 -17.02 2.27
C PHE A 110 -0.43 -17.96 3.32
N GLY A 111 -1.02 -19.14 3.50
CA GLY A 111 -0.42 -20.12 4.38
C GLY A 111 0.89 -20.66 3.85
N ALA A 112 0.95 -20.94 2.54
CA ALA A 112 2.20 -21.38 1.94
C ALA A 112 3.25 -20.27 1.98
N PHE A 113 2.84 -19.03 1.79
CA PHE A 113 3.79 -17.92 1.81
C PHE A 113 4.44 -17.78 3.19
N GLY A 114 3.64 -17.85 4.26
CA GLY A 114 4.22 -17.78 5.59
C GLY A 114 5.20 -18.90 5.86
N PHE A 115 4.80 -20.13 5.57
CA PHE A 115 5.59 -21.29 5.98
C PHE A 115 6.65 -21.69 4.98
N VAL A 116 6.43 -21.44 3.68
CA VAL A 116 7.31 -21.98 2.65
C VAL A 116 7.92 -20.86 1.81
N MET A 117 7.08 -20.02 1.20
CA MET A 117 7.58 -19.11 0.18
C MET A 117 8.42 -17.98 0.75
N TYR A 118 8.12 -17.49 1.95
CA TYR A 118 8.91 -16.39 2.48
C TYR A 118 10.32 -16.84 2.87
N PRO A 119 10.50 -17.97 3.56
CA PRO A 119 11.88 -18.42 3.86
C PRO A 119 12.71 -18.64 2.61
N LEU A 120 12.10 -19.04 1.50
CA LEU A 120 12.81 -19.28 0.26
C LEU A 120 13.00 -18.01 -0.58
N SER A 121 12.62 -16.85 -0.05
CA SER A 121 12.74 -15.61 -0.82
C SER A 121 14.20 -15.29 -1.14
N ASN A 122 15.11 -15.57 -0.21
CA ASN A 122 16.53 -15.30 -0.43
C ASN A 122 17.07 -16.11 -1.60
N TYR A 123 16.50 -17.28 -1.86
CA TYR A 123 16.98 -18.14 -2.94
C TYR A 123 16.41 -17.72 -4.29
N ILE A 124 15.17 -17.23 -4.31
CA ILE A 124 14.46 -16.96 -5.55
C ILE A 124 14.48 -15.49 -5.96
N HIS A 125 14.90 -14.59 -5.08
CA HIS A 125 14.94 -13.17 -5.41
C HIS A 125 16.25 -12.85 -6.12
N PRO A 126 16.21 -12.38 -7.38
CA PRO A 126 17.46 -12.04 -8.10
C PRO A 126 18.05 -10.70 -7.66
N GLU A 127 18.73 -10.74 -6.51
CA GLU A 127 19.32 -9.52 -5.95
C GLU A 127 20.54 -9.07 -6.72
N ALA A 128 21.24 -9.99 -7.40
CA ALA A 128 22.45 -9.64 -8.14
C ALA A 128 22.12 -9.03 -9.51
N LEU A 129 21.20 -9.65 -10.25
CA LEU A 129 20.79 -9.10 -11.53
C LEU A 129 20.15 -7.73 -11.38
N ALA A 130 19.43 -7.52 -10.29
CA ALA A 130 18.77 -6.23 -10.05
C ALA A 130 19.78 -5.15 -9.67
N ASP A 131 20.81 -5.49 -8.91
CA ASP A 131 21.86 -4.53 -8.60
C ASP A 131 22.65 -4.15 -9.84
N LYS A 132 22.75 -5.06 -10.81
CA LYS A 132 23.37 -4.72 -12.08
C LYS A 132 22.49 -3.79 -12.90
N LEU A 133 21.18 -4.04 -12.92
CA LEU A 133 20.27 -3.11 -13.58
C LEU A 133 20.27 -1.75 -12.90
N LEU A 134 20.44 -1.71 -11.59
CA LEU A 134 20.38 -0.44 -10.88
C LEU A 134 21.55 0.47 -11.26
N THR A 135 22.74 -0.11 -11.46
CA THR A 135 23.89 0.69 -11.87
C THR A 135 23.80 1.06 -13.33
N THR A 136 23.47 0.08 -14.17
CA THR A 136 23.38 0.35 -15.60
C THR A 136 22.26 1.34 -15.91
N LEU A 137 21.23 1.39 -15.06
CA LEU A 137 20.07 2.22 -15.34
C LEU A 137 19.87 3.34 -14.32
N GLY A 138 20.58 3.35 -13.20
CA GLY A 138 20.65 4.54 -12.39
C GLY A 138 19.67 4.62 -11.23
N PRO A 139 19.83 5.66 -10.41
CA PRO A 139 19.05 5.76 -9.16
C PRO A 139 17.57 6.01 -9.37
N ARG A 140 17.18 6.67 -10.45
CA ARG A 140 15.76 6.99 -10.66
C ARG A 140 14.92 5.72 -10.75
N PHE A 141 15.53 4.61 -11.14
CA PHE A 141 14.80 3.39 -11.49
C PHE A 141 14.83 2.34 -10.38
N MET A 142 15.15 2.74 -9.14
CA MET A 142 15.12 1.79 -8.05
C MET A 142 13.72 1.19 -7.88
N GLY A 143 12.69 2.02 -8.00
CA GLY A 143 11.32 1.57 -7.91
C GLY A 143 10.96 0.52 -8.93
N PRO A 144 11.04 0.85 -10.22
CA PRO A 144 10.70 -0.13 -11.26
C PRO A 144 11.57 -1.38 -11.24
N ILE A 145 12.85 -1.24 -10.89
CA ILE A 145 13.70 -2.41 -10.76
C ILE A 145 13.34 -3.23 -9.53
N ALA A 146 12.84 -2.58 -8.48
CA ALA A 146 12.49 -3.29 -7.24
C ALA A 146 11.40 -4.33 -7.46
N ILE A 147 10.58 -4.18 -8.50
CA ILE A 147 9.59 -5.19 -8.81
C ILE A 147 10.26 -6.52 -9.16
N LEU A 148 11.40 -6.46 -9.85
CA LEU A 148 12.12 -7.67 -10.22
C LEU A 148 12.95 -8.23 -9.06
N ARG A 149 13.38 -7.39 -8.12
CA ARG A 149 14.12 -7.90 -6.96
C ARG A 149 13.25 -8.81 -6.11
N ILE A 150 12.07 -8.32 -5.72
CA ILE A 150 11.23 -8.97 -4.73
C ILE A 150 9.93 -9.42 -5.38
N TRP A 151 10.00 -9.85 -6.63
CA TRP A 151 8.82 -10.28 -7.38
C TRP A 151 7.92 -11.20 -6.57
N SER A 152 8.49 -12.06 -5.72
CA SER A 152 7.66 -12.88 -4.85
C SER A 152 6.90 -12.06 -3.82
N PHE A 153 7.52 -11.00 -3.30
CA PHE A 153 6.82 -10.07 -2.44
C PHE A 153 5.83 -9.21 -3.22
N CYS A 154 6.11 -8.95 -4.49
CA CYS A 154 5.16 -8.28 -5.36
C CYS A 154 3.97 -9.16 -5.69
N LEU A 155 4.14 -10.48 -5.74
CA LEU A 155 3.01 -11.38 -5.92
C LEU A 155 2.15 -11.44 -4.67
N PHE A 156 2.77 -11.43 -3.49
CA PHE A 156 2.01 -11.31 -2.25
C PHE A 156 1.24 -10.00 -2.21
N TYR A 157 1.79 -8.93 -2.78
CA TYR A 157 1.13 -7.64 -2.78
C TYR A 157 -0.17 -7.68 -3.57
N VAL A 158 -0.14 -8.27 -4.77
CA VAL A 158 -1.35 -8.31 -5.58
C VAL A 158 -2.38 -9.29 -5.01
N MET A 159 -1.92 -10.37 -4.36
CA MET A 159 -2.85 -11.28 -3.72
C MET A 159 -3.49 -10.64 -2.49
N ALA A 160 -2.70 -9.90 -1.70
CA ALA A 160 -3.27 -9.14 -0.60
C ALA A 160 -4.16 -8.00 -1.10
N GLU A 161 -3.86 -7.45 -2.28
CA GLU A 161 -4.74 -6.45 -2.88
C GLU A 161 -6.02 -7.08 -3.42
N LEU A 162 -5.92 -8.28 -3.99
CA LEU A 162 -7.10 -8.96 -4.51
C LEU A 162 -8.03 -9.43 -3.40
N TRP A 163 -7.51 -9.65 -2.18
CA TRP A 163 -8.37 -10.05 -1.08
C TRP A 163 -9.38 -8.95 -0.74
N GLY A 164 -8.91 -7.70 -0.65
CA GLY A 164 -9.80 -6.60 -0.37
C GLY A 164 -10.76 -6.28 -1.50
N SER A 165 -10.40 -6.57 -2.74
CA SER A 165 -11.24 -6.28 -3.90
C SER A 165 -12.21 -7.40 -4.23
N VAL A 166 -11.84 -8.65 -3.97
CA VAL A 166 -12.68 -9.79 -4.31
C VAL A 166 -13.41 -10.34 -3.08
N VAL A 167 -12.68 -10.61 -2.00
CA VAL A 167 -13.29 -11.21 -0.82
C VAL A 167 -14.13 -10.20 -0.06
N VAL A 168 -13.59 -8.99 0.14
CA VAL A 168 -14.33 -7.96 0.87
C VAL A 168 -15.52 -7.47 0.05
N SER A 169 -15.32 -7.26 -1.24
CA SER A 169 -16.32 -6.61 -2.10
C SER A 169 -17.13 -7.63 -2.91
N VAL A 170 -16.46 -8.48 -3.68
CA VAL A 170 -17.16 -9.35 -4.62
C VAL A 170 -17.72 -10.58 -3.90
N LEU A 171 -16.86 -11.31 -3.18
CA LEU A 171 -17.29 -12.57 -2.59
C LEU A 171 -18.33 -12.36 -1.49
N PHE A 172 -18.05 -11.46 -0.55
CA PHE A 172 -18.94 -11.29 0.59
C PHE A 172 -20.26 -10.64 0.17
N TRP A 173 -20.18 -9.43 -0.38
CA TRP A 173 -21.40 -8.70 -0.75
C TRP A 173 -22.20 -9.43 -1.82
N GLY A 174 -21.55 -10.26 -2.64
CA GLY A 174 -22.29 -11.13 -3.54
C GLY A 174 -23.09 -12.17 -2.79
N PHE A 175 -22.49 -12.78 -1.77
CA PHE A 175 -23.23 -13.72 -0.92
C PHE A 175 -24.19 -13.00 0.02
N ALA A 176 -23.84 -11.77 0.44
CA ALA A 176 -24.73 -11.01 1.30
C ALA A 176 -26.00 -10.61 0.57
N ASN A 177 -25.87 -10.04 -0.63
CA ASN A 177 -27.02 -9.53 -1.36
C ASN A 177 -27.86 -10.65 -1.95
N GLN A 178 -27.44 -11.90 -1.77
CA GLN A 178 -28.18 -13.05 -2.27
C GLN A 178 -29.09 -13.67 -1.22
N ILE A 179 -28.56 -13.96 -0.03
CA ILE A 179 -29.38 -14.52 1.03
C ILE A 179 -30.17 -13.46 1.79
N THR A 180 -29.77 -12.20 1.71
CA THR A 180 -30.42 -11.13 2.45
C THR A 180 -31.48 -10.45 1.59
N THR A 181 -32.63 -10.18 2.19
CA THR A 181 -33.69 -9.46 1.52
C THR A 181 -33.37 -7.96 1.49
N VAL A 182 -34.20 -7.21 0.78
CA VAL A 182 -33.97 -5.76 0.68
C VAL A 182 -34.19 -5.07 2.02
N ASP A 183 -35.10 -5.60 2.85
CA ASP A 183 -35.37 -4.99 4.14
C ASP A 183 -34.26 -5.25 5.14
N GLU A 184 -33.74 -6.48 5.19
CA GLU A 184 -32.63 -6.78 6.08
C GLU A 184 -31.35 -6.08 5.63
N ALA A 185 -31.18 -5.94 4.31
CA ALA A 185 -30.00 -5.25 3.79
C ALA A 185 -29.99 -3.76 4.13
N LYS A 186 -31.15 -3.20 4.47
CA LYS A 186 -31.24 -1.81 4.91
C LYS A 186 -31.07 -1.65 6.41
N LYS A 187 -31.19 -2.74 7.17
CA LYS A 187 -31.08 -2.70 8.62
C LYS A 187 -29.76 -3.23 9.15
N PHE A 188 -29.20 -4.27 8.53
CA PHE A 188 -28.05 -4.96 9.06
C PHE A 188 -26.74 -4.66 8.34
N TYR A 189 -26.79 -4.11 7.13
CA TYR A 189 -25.58 -3.73 6.41
C TYR A 189 -24.78 -2.66 7.17
N PRO A 190 -25.41 -1.62 7.71
CA PRO A 190 -24.65 -0.69 8.57
C PRO A 190 -24.02 -1.37 9.77
N LEU A 191 -24.66 -2.39 10.32
CA LEU A 191 -24.06 -3.15 11.42
C LEU A 191 -22.89 -4.00 10.95
N PHE A 192 -22.88 -4.42 9.68
CA PHE A 192 -21.76 -5.20 9.16
C PHE A 192 -20.48 -4.37 9.17
N GLY A 193 -20.56 -3.11 8.75
CA GLY A 193 -19.38 -2.25 8.79
C GLY A 193 -18.91 -1.95 10.19
N LEU A 194 -19.85 -1.80 11.14
CA LEU A 194 -19.48 -1.54 12.52
C LEU A 194 -18.71 -2.71 13.12
N GLY A 195 -19.22 -3.93 12.93
CA GLY A 195 -18.56 -5.10 13.47
C GLY A 195 -17.26 -5.46 12.78
N ALA A 196 -17.10 -5.06 11.53
CA ALA A 196 -15.87 -5.32 10.78
C ALA A 196 -14.81 -4.26 10.99
N ASN A 197 -15.12 -3.18 11.69
CA ASN A 197 -14.10 -2.25 12.16
C ASN A 197 -13.59 -2.60 13.54
N VAL A 198 -14.39 -3.31 14.34
CA VAL A 198 -13.86 -4.00 15.50
C VAL A 198 -12.83 -5.03 15.05
N ALA A 199 -13.01 -5.59 13.85
CA ALA A 199 -11.99 -6.46 13.27
C ALA A 199 -10.68 -5.72 13.07
N LEU A 200 -10.75 -4.49 12.56
CA LEU A 200 -9.53 -3.69 12.40
C LEU A 200 -8.89 -3.39 13.74
N ILE A 201 -9.70 -3.08 14.76
CA ILE A 201 -9.16 -2.81 16.08
C ILE A 201 -8.46 -4.05 16.64
N PHE A 202 -9.08 -5.22 16.45
CA PHE A 202 -8.51 -6.45 16.99
C PHE A 202 -7.39 -7.01 16.12
N SER A 203 -7.52 -6.91 14.79
CA SER A 203 -6.44 -7.37 13.92
C SER A 203 -5.26 -6.41 13.90
N GLY A 204 -5.50 -5.12 14.12
CA GLY A 204 -4.40 -4.19 14.30
C GLY A 204 -3.61 -4.49 15.56
N ARG A 205 -4.30 -4.80 16.66
CA ARG A 205 -3.62 -5.29 17.85
C ARG A 205 -2.94 -6.62 17.58
N THR A 206 -3.52 -7.43 16.70
CA THR A 206 -2.90 -8.69 16.31
C THR A 206 -1.63 -8.46 15.49
N VAL A 207 -1.69 -7.52 14.55
CA VAL A 207 -0.51 -7.23 13.73
C VAL A 207 0.61 -6.68 14.59
N LYS A 208 0.31 -5.80 15.54
CA LYS A 208 1.35 -5.24 16.39
C LYS A 208 1.92 -6.26 17.36
N TYR A 209 1.05 -7.08 17.96
CA TYR A 209 1.52 -8.09 18.92
C TYR A 209 2.52 -9.04 18.29
N PHE A 210 2.18 -9.59 17.13
CA PHE A 210 3.03 -10.55 16.47
C PHE A 210 4.16 -9.89 15.68
N SER A 211 4.20 -8.56 15.63
CA SER A 211 5.33 -7.84 15.05
C SER A 211 6.39 -7.50 16.07
N ASN A 212 6.03 -7.37 17.35
CA ASN A 212 7.01 -7.09 18.39
C ASN A 212 8.07 -8.18 18.39
N LEU A 213 9.29 -7.83 18.00
CA LEU A 213 10.39 -8.78 18.01
C LEU A 213 10.46 -9.50 19.34
N ARG A 214 10.31 -10.82 19.28
CA ARG A 214 10.48 -11.67 20.46
C ARG A 214 11.70 -11.26 21.25
N LYS A 215 12.79 -10.96 20.54
CA LYS A 215 14.14 -10.72 21.02
C LYS A 215 14.69 -12.02 21.58
N ASN A 216 13.88 -13.07 21.68
CA ASN A 216 14.34 -14.42 21.92
C ASN A 216 15.06 -14.91 20.67
N LEU A 217 16.29 -15.39 20.85
CA LEU A 217 17.17 -15.70 19.74
C LEU A 217 17.40 -14.46 18.88
N GLY A 218 18.03 -13.46 19.52
CA GLY A 218 18.38 -12.23 18.84
C GLY A 218 19.22 -12.39 17.60
N PRO A 219 20.25 -13.23 17.60
CA PRO A 219 20.94 -13.56 16.36
C PRO A 219 20.30 -14.75 15.65
N GLY A 220 20.62 -14.86 14.36
CA GLY A 220 20.21 -16.02 13.60
C GLY A 220 18.84 -15.92 12.98
N VAL A 221 17.84 -16.50 13.63
CA VAL A 221 16.49 -16.55 13.09
C VAL A 221 15.99 -15.13 12.80
N ASP A 222 15.37 -14.96 11.64
CA ASP A 222 14.85 -13.67 11.24
C ASP A 222 13.67 -13.30 12.12
N GLY A 223 13.73 -12.09 12.69
CA GLY A 223 12.64 -11.64 13.53
C GLY A 223 11.34 -11.44 12.78
N TRP A 224 11.43 -10.95 11.54
CA TRP A 224 10.23 -10.75 10.74
C TRP A 224 9.70 -12.05 10.16
N ALA A 225 10.54 -13.08 10.06
CA ALA A 225 10.08 -14.38 9.57
C ALA A 225 9.14 -15.05 10.56
N VAL A 226 9.48 -15.06 11.84
CA VAL A 226 8.56 -15.61 12.85
C VAL A 226 7.31 -14.76 12.95
N SER A 227 7.46 -13.44 12.78
CA SER A 227 6.31 -12.56 12.76
C SER A 227 5.36 -12.89 11.61
N LEU A 228 5.92 -13.08 10.41
CA LEU A 228 5.10 -13.29 9.23
C LEU A 228 4.44 -14.66 9.25
N LYS A 229 5.08 -15.65 9.85
CA LYS A 229 4.48 -16.99 9.94
C LYS A 229 3.31 -17.03 10.91
N ALA A 230 3.40 -16.32 12.03
CA ALA A 230 2.29 -16.29 12.98
C ALA A 230 1.08 -15.60 12.38
N MET A 231 1.28 -14.50 11.65
CA MET A 231 0.16 -13.77 11.08
C MET A 231 -0.49 -14.53 9.93
N MET A 232 0.32 -15.12 9.05
CA MET A 232 -0.23 -15.92 7.96
C MET A 232 -0.92 -17.19 8.47
N SER A 233 -0.58 -17.65 9.67
CA SER A 233 -1.32 -18.74 10.28
C SER A 233 -2.72 -18.29 10.70
N ILE A 234 -2.83 -17.06 11.22
CA ILE A 234 -4.13 -16.52 11.57
C ILE A 234 -4.96 -16.25 10.32
N VAL A 235 -4.31 -15.80 9.25
CA VAL A 235 -5.01 -15.57 7.98
C VAL A 235 -5.65 -16.86 7.49
N VAL A 236 -4.94 -17.98 7.60
CA VAL A 236 -5.52 -19.27 7.26
C VAL A 236 -6.61 -19.65 8.24
N GLY A 237 -6.35 -19.52 9.54
CA GLY A 237 -7.33 -19.89 10.54
C GLY A 237 -8.58 -19.02 10.47
N MET A 238 -8.41 -17.71 10.35
CA MET A 238 -9.55 -16.81 10.17
C MET A 238 -10.14 -16.94 8.77
N GLY A 239 -9.36 -17.41 7.80
CA GLY A 239 -9.86 -17.66 6.47
C GLY A 239 -10.66 -18.95 6.40
N LEU A 240 -10.25 -19.96 7.16
CA LEU A 240 -11.07 -21.17 7.26
C LEU A 240 -12.37 -20.88 7.98
N ALA A 241 -12.36 -19.98 8.96
CA ALA A 241 -13.59 -19.58 9.63
C ALA A 241 -14.58 -18.97 8.64
N ILE A 242 -14.08 -18.31 7.60
CA ILE A 242 -14.97 -17.80 6.55
C ILE A 242 -15.59 -18.95 5.79
N CYS A 243 -14.81 -20.01 5.52
CA CYS A 243 -15.35 -21.17 4.82
C CYS A 243 -16.31 -21.98 5.69
N LEU A 244 -16.05 -22.05 6.99
CA LEU A 244 -16.98 -22.73 7.89
C LEU A 244 -18.24 -21.91 8.12
N LEU A 245 -18.10 -20.58 8.26
CA LEU A 245 -19.29 -19.73 8.37
C LEU A 245 -20.09 -19.72 7.09
N TYR A 246 -19.48 -20.04 5.95
CA TYR A 246 -20.16 -20.13 4.67
C TYR A 246 -20.85 -21.49 4.49
N TRP A 247 -20.21 -22.56 4.97
CA TRP A 247 -20.84 -23.87 4.93
C TRP A 247 -22.08 -23.93 5.82
N TRP A 248 -22.12 -23.11 6.87
CA TRP A 248 -23.22 -23.18 7.83
C TRP A 248 -24.47 -22.47 7.30
N VAL A 249 -24.31 -21.26 6.77
CA VAL A 249 -25.46 -20.52 6.25
C VAL A 249 -26.06 -21.22 5.04
N ASN A 250 -25.24 -21.94 4.28
CA ASN A 250 -25.74 -22.65 3.10
C ASN A 250 -26.36 -24.00 3.41
N ARG A 251 -26.19 -24.52 4.63
CA ARG A 251 -26.76 -25.80 5.00
C ARG A 251 -27.86 -25.71 6.03
N TYR A 252 -27.85 -24.68 6.88
CA TYR A 252 -28.82 -24.57 7.97
C TYR A 252 -29.69 -23.33 7.91
N VAL A 253 -29.42 -22.41 7.00
CA VAL A 253 -30.21 -21.19 6.84
C VAL A 253 -30.97 -21.28 5.52
N PRO A 254 -32.28 -21.10 5.51
CA PRO A 254 -33.04 -21.19 4.25
C PRO A 254 -32.63 -20.08 3.29
N LEU A 255 -32.19 -20.49 2.10
CA LEU A 255 -31.82 -19.52 1.06
C LEU A 255 -33.07 -19.04 0.31
N PRO A 256 -33.30 -17.73 0.24
CA PRO A 256 -34.55 -17.24 -0.34
C PRO A 256 -34.76 -17.64 -1.80
N THR A 257 -33.70 -17.65 -2.60
CA THR A 257 -33.81 -17.84 -4.05
C THR A 257 -34.88 -16.92 -4.64
N ARG A 258 -34.76 -15.62 -4.31
CA ARG A 258 -35.76 -14.65 -4.72
C ARG A 258 -35.90 -14.60 -6.23
N SER A 259 -37.14 -14.58 -6.71
CA SER A 259 -37.41 -14.63 -8.14
C SER A 259 -36.91 -13.37 -8.82
N LYS A 260 -36.27 -13.55 -9.97
CA LYS A 260 -35.78 -12.46 -10.78
C LYS A 260 -36.89 -11.93 -11.69
N ASN A 261 -36.72 -10.68 -12.13
CA ASN A 261 -37.65 -10.09 -13.09
C ASN A 261 -37.20 -10.28 -14.53
N LYS A 262 -35.88 -10.23 -14.77
CA LYS A 262 -35.36 -10.35 -16.11
C LYS A 262 -35.27 -11.81 -16.54
N LYS A 263 -35.17 -12.01 -17.86
CA LYS A 263 -34.97 -13.33 -18.42
C LYS A 263 -33.53 -13.79 -18.17
N GLU A 264 -33.31 -15.10 -18.36
CA GLU A 264 -31.96 -15.65 -18.32
C GLU A 264 -31.20 -15.41 -19.61
N LYS A 265 -31.84 -14.87 -20.63
CA LYS A 265 -31.18 -14.65 -21.91
C LYS A 265 -29.96 -13.73 -21.84
N PRO A 266 -29.84 -12.79 -20.89
CA PRO A 266 -28.56 -12.06 -20.80
C PRO A 266 -27.43 -12.98 -20.39
N LYS A 267 -26.64 -13.38 -21.39
CA LYS A 267 -25.54 -14.32 -21.29
C LYS A 267 -24.67 -14.14 -22.53
N MET A 268 -23.68 -15.00 -22.70
CA MET A 268 -22.81 -14.97 -23.88
C MET A 268 -22.14 -13.61 -24.06
N GLY A 269 -21.89 -12.92 -22.95
CA GLY A 269 -21.25 -11.62 -23.00
C GLY A 269 -19.94 -11.60 -22.25
N THR A 270 -18.84 -11.38 -22.97
CA THR A 270 -17.52 -11.38 -22.37
C THR A 270 -16.75 -10.10 -22.69
N MET A 271 -17.11 -9.44 -23.79
CA MET A 271 -16.43 -8.23 -24.22
C MET A 271 -17.33 -7.01 -24.30
N GLU A 272 -18.58 -7.18 -24.73
CA GLU A 272 -19.52 -6.08 -24.78
C GLU A 272 -20.32 -5.91 -23.49
N SER A 273 -20.11 -6.76 -22.49
CA SER A 273 -20.60 -6.45 -21.17
C SER A 273 -20.01 -5.14 -20.66
N LEU A 274 -18.73 -4.91 -20.92
CA LEU A 274 -18.11 -3.63 -20.61
C LEU A 274 -18.73 -2.48 -21.39
N LYS A 275 -19.08 -2.71 -22.66
CA LYS A 275 -19.75 -1.66 -23.44
C LYS A 275 -21.12 -1.34 -22.87
N PHE A 276 -21.87 -2.36 -22.45
CA PHE A 276 -23.15 -2.12 -21.79
C PHE A 276 -22.95 -1.35 -20.49
N LEU A 277 -21.94 -1.70 -19.71
CA LEU A 277 -21.68 -1.03 -18.44
C LEU A 277 -21.18 0.39 -18.62
N VAL A 278 -20.58 0.71 -19.76
CA VAL A 278 -20.11 2.07 -20.01
C VAL A 278 -21.14 2.92 -20.76
N SER A 279 -22.13 2.29 -21.41
CA SER A 279 -23.16 3.05 -22.11
C SER A 279 -23.97 3.90 -21.15
N SER A 280 -24.22 3.39 -19.94
CA SER A 280 -25.03 4.10 -18.96
C SER A 280 -24.31 5.36 -18.49
N PRO A 281 -24.92 6.54 -18.59
CA PRO A 281 -24.35 7.73 -17.96
C PRO A 281 -24.42 7.71 -16.45
N TYR A 282 -24.99 6.66 -15.86
CA TYR A 282 -25.07 6.47 -14.43
C TYR A 282 -23.80 5.80 -13.90
N ILE A 283 -23.49 4.61 -14.41
CA ILE A 283 -22.23 3.95 -14.10
C ILE A 283 -21.06 4.82 -14.56
N ARG A 284 -21.26 5.64 -15.60
CA ARG A 284 -20.20 6.53 -16.06
C ARG A 284 -19.78 7.54 -14.99
N ASP A 285 -20.67 7.85 -14.03
CA ASP A 285 -20.32 8.71 -12.91
C ASP A 285 -20.01 7.96 -11.64
N LEU A 286 -20.66 6.81 -11.41
CA LEU A 286 -20.21 5.93 -10.33
C LEU A 286 -18.72 5.60 -10.49
N ALA A 287 -18.32 5.15 -11.67
CA ALA A 287 -16.93 4.85 -11.93
C ALA A 287 -16.06 6.09 -11.82
N THR A 288 -16.58 7.26 -12.22
CA THR A 288 -15.80 8.49 -12.09
C THR A 288 -15.45 8.75 -10.64
N LEU A 289 -16.44 8.59 -9.74
CA LEU A 289 -16.17 8.76 -8.31
C LEU A 289 -15.19 7.70 -7.80
N VAL A 290 -15.39 6.44 -8.19
CA VAL A 290 -14.54 5.35 -7.70
C VAL A 290 -13.12 5.43 -8.24
N VAL A 291 -12.90 6.19 -9.32
CA VAL A 291 -11.54 6.43 -9.80
C VAL A 291 -10.94 7.69 -9.18
N ALA A 292 -11.73 8.76 -9.04
CA ALA A 292 -11.22 9.97 -8.42
C ALA A 292 -10.75 9.69 -7.00
N TYR A 293 -11.56 8.98 -6.21
CA TYR A 293 -11.02 8.35 -5.03
C TYR A 293 -10.20 7.16 -5.49
N GLY A 294 -8.95 7.11 -5.08
CA GLY A 294 -8.02 6.12 -5.55
C GLY A 294 -6.93 6.82 -6.30
N ILE A 295 -7.28 7.71 -7.23
CA ILE A 295 -6.26 8.60 -7.79
C ILE A 295 -5.74 9.54 -6.71
N SER A 296 -6.65 10.22 -6.02
CA SER A 296 -6.23 11.15 -4.98
C SER A 296 -5.59 10.42 -3.80
N ILE A 297 -6.20 9.31 -3.38
CA ILE A 297 -5.66 8.59 -2.23
C ILE A 297 -4.27 8.05 -2.55
N ASN A 298 -4.03 7.58 -3.78
CA ASN A 298 -2.70 7.15 -4.18
C ASN A 298 -1.72 8.31 -4.15
N LEU A 299 -2.12 9.44 -4.74
CA LEU A 299 -1.26 10.61 -4.82
C LEU A 299 -0.76 11.03 -3.43
N VAL A 300 -1.60 10.85 -2.41
CA VAL A 300 -1.15 11.20 -1.07
C VAL A 300 -0.41 10.04 -0.39
N GLU A 301 -0.92 8.81 -0.51
CA GLU A 301 -0.44 7.73 0.34
C GLU A 301 0.90 7.16 -0.11
N VAL A 302 1.25 7.25 -1.40
CA VAL A 302 2.57 6.77 -1.78
C VAL A 302 3.65 7.65 -1.14
N THR A 303 3.45 8.97 -1.14
CA THR A 303 4.36 9.87 -0.45
C THR A 303 4.35 9.60 1.06
N TRP A 304 3.15 9.34 1.62
CA TRP A 304 3.09 9.04 3.05
C TRP A 304 3.90 7.80 3.38
N LYS A 305 3.82 6.78 2.52
CA LYS A 305 4.53 5.53 2.75
C LYS A 305 6.02 5.69 2.52
N SER A 306 6.42 6.61 1.65
CA SER A 306 7.84 6.97 1.57
C SER A 306 8.32 7.54 2.89
N LYS A 307 7.53 8.44 3.47
CA LYS A 307 7.85 8.95 4.81
C LYS A 307 7.89 7.81 5.82
N LEU A 308 6.98 6.84 5.69
CA LEU A 308 6.94 5.70 6.60
C LEU A 308 8.23 4.89 6.52
N LYS A 309 8.67 4.58 5.30
CA LYS A 309 9.92 3.85 5.14
C LYS A 309 11.10 4.64 5.69
N ALA A 310 11.08 5.97 5.51
CA ALA A 310 12.14 6.79 6.09
C ALA A 310 12.12 6.72 7.62
N GLN A 311 10.93 6.62 8.22
CA GLN A 311 10.83 6.62 9.68
C GLN A 311 10.99 5.23 10.29
N PHE A 312 10.36 4.21 9.69
CA PHE A 312 10.47 2.83 10.17
C PHE A 312 11.17 2.00 9.10
N PRO A 313 12.49 1.87 9.16
CA PRO A 313 13.21 1.11 8.12
C PRO A 313 13.15 -0.39 8.30
N SER A 314 13.01 -0.90 9.53
CA SER A 314 12.94 -2.35 9.69
C SER A 314 11.52 -2.84 9.41
N PRO A 315 11.37 -4.07 8.91
CA PRO A 315 10.02 -4.60 8.71
C PRO A 315 9.18 -4.65 9.97
N ASN A 316 9.81 -4.89 11.13
CA ASN A 316 9.03 -5.03 12.35
C ASN A 316 8.54 -3.69 12.88
N GLU A 317 9.38 -2.65 12.79
CA GLU A 317 8.91 -1.31 13.14
C GLU A 317 7.75 -0.90 12.24
N TYR A 318 7.91 -1.13 10.94
CA TYR A 318 6.87 -0.78 9.98
C TYR A 318 5.58 -1.55 10.27
N SER A 319 5.71 -2.83 10.60
CA SER A 319 4.53 -3.66 10.87
C SER A 319 3.84 -3.26 12.17
N ALA A 320 4.61 -2.94 13.21
CA ALA A 320 4.01 -2.47 14.45
C ALA A 320 3.28 -1.15 14.23
N PHE A 321 3.89 -0.24 13.46
CA PHE A 321 3.20 1.01 13.14
C PHE A 321 1.95 0.75 12.31
N MET A 322 2.00 -0.20 11.38
CA MET A 322 0.81 -0.51 10.58
C MET A 322 -0.29 -1.12 11.43
N GLY A 323 0.07 -1.91 12.44
CA GLY A 323 -0.94 -2.42 13.37
C GLY A 323 -1.59 -1.30 14.17
N ASP A 324 -0.76 -0.39 14.70
CA ASP A 324 -1.30 0.78 15.40
C ASP A 324 -2.20 1.61 14.48
N PHE A 325 -1.76 1.83 13.25
CA PHE A 325 -2.51 2.61 12.29
C PHE A 325 -3.82 1.91 11.93
N SER A 326 -3.80 0.58 11.83
CA SER A 326 -5.03 -0.16 11.56
C SER A 326 -6.01 -0.05 12.72
N THR A 327 -5.51 -0.11 13.97
CA THR A 327 -6.38 0.07 15.12
C THR A 327 -7.00 1.46 15.12
N CYS A 328 -6.19 2.49 14.85
CA CYS A 328 -6.71 3.86 14.79
C CYS A 328 -7.72 4.02 13.67
N THR A 329 -7.45 3.43 12.50
CA THR A 329 -8.40 3.46 11.40
C THR A 329 -9.71 2.78 11.80
N GLY A 330 -9.61 1.66 12.51
CA GLY A 330 -10.83 0.97 12.95
C GLY A 330 -11.66 1.81 13.88
N VAL A 331 -11.02 2.45 14.87
CA VAL A 331 -11.80 3.24 15.82
C VAL A 331 -12.39 4.48 15.15
N ALA A 332 -11.62 5.14 14.27
CA ALA A 332 -12.15 6.31 13.58
C ALA A 332 -13.30 5.93 12.64
N THR A 333 -13.17 4.80 11.93
CA THR A 333 -14.22 4.37 11.04
C THR A 333 -15.46 3.93 11.80
N PHE A 334 -15.29 3.31 12.97
CA PHE A 334 -16.43 2.98 13.82
C PHE A 334 -17.18 4.24 14.24
N THR A 335 -16.45 5.23 14.75
CA THR A 335 -17.08 6.50 15.13
C THR A 335 -17.81 7.12 13.96
N MET A 336 -17.21 7.06 12.79
CA MET A 336 -17.80 7.86 11.73
C MET A 336 -18.92 7.10 11.00
N MET A 337 -18.91 5.76 11.03
CA MET A 337 -20.10 5.00 10.64
C MET A 337 -21.23 5.18 11.65
N LEU A 338 -20.93 5.52 12.91
CA LEU A 338 -22.03 5.93 13.78
C LEU A 338 -22.54 7.32 13.45
N LEU A 339 -21.66 8.24 13.05
CA LEU A 339 -22.09 9.60 12.73
C LEU A 339 -22.81 9.69 11.39
N SER A 340 -22.48 8.80 10.45
CA SER A 340 -23.08 8.86 9.11
C SER A 340 -24.58 8.68 9.14
N GLN A 341 -25.09 7.75 9.95
CA GLN A 341 -26.52 7.48 9.99
C GLN A 341 -27.31 8.66 10.53
N TYR A 342 -26.66 9.76 10.87
CA TYR A 342 -27.28 11.04 11.12
C TYR A 342 -26.96 12.06 10.03
N VAL A 343 -25.72 12.05 9.53
CA VAL A 343 -25.35 12.99 8.46
C VAL A 343 -26.23 12.78 7.22
N PHE A 344 -26.39 11.52 6.80
CA PHE A 344 -27.22 11.21 5.64
C PHE A 344 -28.62 11.79 5.79
N ASN A 345 -29.31 11.39 6.85
CA ASN A 345 -30.70 11.81 7.04
C ASN A 345 -30.82 13.32 7.11
N LYS A 346 -29.88 13.98 7.80
CA LYS A 346 -30.02 15.42 7.98
C LYS A 346 -29.75 16.18 6.69
N TYR A 347 -28.74 15.77 5.92
CA TYR A 347 -28.28 16.58 4.80
C TYR A 347 -28.65 16.01 3.43
N GLY A 348 -28.34 14.75 3.17
CA GLY A 348 -28.59 14.22 1.85
C GLY A 348 -27.44 13.47 1.21
N TRP A 349 -27.78 12.67 0.19
CA TRP A 349 -26.77 11.94 -0.56
C TRP A 349 -25.75 12.89 -1.19
N GLY A 350 -26.22 14.03 -1.69
CA GLY A 350 -25.31 14.95 -2.35
C GLY A 350 -24.31 15.60 -1.42
N VAL A 351 -24.68 15.81 -0.16
CA VAL A 351 -23.75 16.37 0.81
C VAL A 351 -22.80 15.30 1.32
N ALA A 352 -23.33 14.09 1.58
CA ALA A 352 -22.47 13.01 2.03
C ALA A 352 -21.47 12.61 0.94
N ALA A 353 -21.85 12.75 -0.33
CA ALA A 353 -20.92 12.51 -1.43
C ALA A 353 -19.92 13.64 -1.60
N LYS A 354 -20.18 14.80 -0.99
CA LYS A 354 -19.21 15.89 -0.97
C LYS A 354 -18.23 15.78 0.18
N ILE A 355 -18.63 15.15 1.29
CA ILE A 355 -17.74 15.12 2.46
C ILE A 355 -16.42 14.42 2.14
N THR A 356 -16.49 13.22 1.52
CA THR A 356 -15.25 12.45 1.31
C THR A 356 -14.27 13.17 0.39
N PRO A 357 -14.65 13.67 -0.79
CA PRO A 357 -13.68 14.42 -1.61
C PRO A 357 -13.11 15.63 -0.89
N THR A 358 -13.93 16.36 -0.14
CA THR A 358 -13.44 17.56 0.53
C THR A 358 -12.51 17.23 1.67
N VAL A 359 -12.85 16.23 2.50
CA VAL A 359 -11.96 15.86 3.59
C VAL A 359 -10.64 15.34 3.05
N LEU A 360 -10.69 14.53 1.98
CA LEU A 360 -9.46 14.03 1.39
C LEU A 360 -8.62 15.17 0.84
N LEU A 361 -9.25 16.13 0.14
CA LEU A 361 -8.50 17.24 -0.43
C LEU A 361 -7.85 18.09 0.64
N LEU A 362 -8.62 18.44 1.69
CA LEU A 362 -8.07 19.28 2.74
C LEU A 362 -6.94 18.57 3.49
N THR A 363 -7.12 17.28 3.82
CA THR A 363 -6.06 16.56 4.50
C THR A 363 -4.82 16.41 3.62
N GLY A 364 -5.02 16.16 2.32
CA GLY A 364 -3.88 16.03 1.42
C GLY A 364 -3.12 17.32 1.24
N VAL A 365 -3.83 18.45 1.10
CA VAL A 365 -3.12 19.71 0.98
C VAL A 365 -2.46 20.09 2.30
N ALA A 366 -3.05 19.74 3.44
CA ALA A 366 -2.38 19.97 4.71
C ALA A 366 -1.12 19.14 4.86
N PHE A 367 -1.13 17.91 4.35
CA PHE A 367 0.04 17.04 4.37
C PHE A 367 1.13 17.56 3.42
N PHE A 368 0.73 17.99 2.22
CA PHE A 368 1.69 18.49 1.24
C PHE A 368 2.26 19.84 1.65
N SER A 369 1.47 20.66 2.35
CA SER A 369 1.94 21.95 2.84
C SER A 369 2.76 21.82 4.11
N LEU A 370 2.89 20.61 4.65
CA LEU A 370 3.84 20.30 5.69
C LEU A 370 5.11 19.67 5.14
N ILE A 371 5.00 18.85 4.09
CA ILE A 371 6.20 18.38 3.41
C ILE A 371 6.90 19.51 2.69
N LEU A 372 6.15 20.47 2.13
CA LEU A 372 6.71 21.60 1.40
C LEU A 372 7.03 22.78 2.31
N PHE A 373 6.04 23.30 3.02
CA PHE A 373 6.16 24.55 3.77
C PHE A 373 6.14 24.31 5.28
N GLY A 374 6.76 23.23 5.73
CA GLY A 374 6.83 22.96 7.16
C GLY A 374 8.24 23.04 7.71
N GLY A 375 9.23 22.94 6.81
CA GLY A 375 10.61 23.08 7.18
C GLY A 375 10.89 24.39 7.89
N PRO A 376 10.47 25.50 7.27
CA PRO A 376 10.47 26.77 8.03
C PRO A 376 9.61 26.72 9.27
N PHE A 377 8.46 26.06 9.23
CA PHE A 377 7.59 25.98 10.40
C PHE A 377 7.92 24.73 11.22
N ALA A 378 9.20 24.51 11.45
CA ALA A 378 9.74 23.50 12.34
C ALA A 378 9.52 23.81 13.83
N PRO A 379 9.43 25.11 14.26
CA PRO A 379 9.13 25.40 15.67
C PRO A 379 8.00 24.57 16.27
N LEU A 380 6.84 24.53 15.61
CA LEU A 380 5.73 23.76 16.16
C LEU A 380 6.01 22.26 16.14
N VAL A 381 6.72 21.80 15.12
CA VAL A 381 7.07 20.38 15.02
C VAL A 381 7.92 19.97 16.22
N ALA A 382 8.88 20.81 16.59
CA ALA A 382 9.67 20.54 17.80
C ALA A 382 8.86 20.78 19.07
N LYS A 383 7.88 21.68 19.00
CA LYS A 383 7.00 21.91 20.14
C LYS A 383 6.23 20.64 20.51
N LEU A 384 5.76 19.91 19.52
CA LEU A 384 5.06 18.66 19.79
C LEU A 384 6.00 17.50 20.06
N GLY A 385 7.29 17.77 20.26
CA GLY A 385 8.26 16.72 20.54
C GLY A 385 8.42 15.71 19.44
N MET A 386 8.61 16.19 18.20
CA MET A 386 8.73 15.32 17.05
C MET A 386 9.79 15.87 16.10
N THR A 387 10.26 15.02 15.22
CA THR A 387 11.08 15.40 14.08
C THR A 387 10.19 15.79 12.91
N PRO A 388 10.70 16.56 11.94
CA PRO A 388 9.89 16.85 10.75
C PRO A 388 9.42 15.60 10.03
N LEU A 389 10.25 14.56 9.97
CA LEU A 389 9.84 13.29 9.36
C LEU A 389 8.76 12.58 10.18
N LEU A 390 8.90 12.53 11.51
CA LEU A 390 7.86 11.91 12.33
C LEU A 390 6.57 12.73 12.28
N ALA A 391 6.69 14.06 12.25
CA ALA A 391 5.51 14.90 12.09
C ALA A 391 4.81 14.61 10.77
N ALA A 392 5.59 14.47 9.68
CA ALA A 392 4.99 14.11 8.40
C ALA A 392 4.34 12.74 8.46
N VAL A 393 4.99 11.79 9.15
CA VAL A 393 4.44 10.44 9.28
C VAL A 393 3.07 10.50 9.96
N TYR A 394 2.98 11.20 11.08
CA TYR A 394 1.71 11.25 11.81
C TYR A 394 0.66 12.06 11.07
N VAL A 395 1.05 13.13 10.37
CA VAL A 395 0.08 13.92 9.62
C VAL A 395 -0.47 13.12 8.44
N GLY A 396 0.39 12.37 7.75
CA GLY A 396 -0.09 11.48 6.70
C GLY A 396 -0.93 10.34 7.23
N ALA A 397 -0.59 9.83 8.42
CA ALA A 397 -1.42 8.81 9.05
C ALA A 397 -2.82 9.35 9.33
N LEU A 398 -2.91 10.58 9.85
CA LEU A 398 -4.21 11.20 10.05
C LEU A 398 -4.91 11.48 8.72
N GLN A 399 -4.15 11.86 7.69
CA GLN A 399 -4.71 12.04 6.35
C GLN A 399 -5.44 10.78 5.90
N ASN A 400 -4.75 9.63 5.96
CA ASN A 400 -5.37 8.39 5.50
C ASN A 400 -6.47 7.94 6.44
N ILE A 401 -6.30 8.13 7.75
CA ILE A 401 -7.34 7.74 8.69
C ILE A 401 -8.62 8.49 8.38
N PHE A 402 -8.54 9.81 8.27
CA PHE A 402 -9.72 10.62 8.01
C PHE A 402 -10.31 10.30 6.65
N SER A 403 -9.47 10.26 5.61
CA SER A 403 -9.98 10.03 4.25
C SER A 403 -10.63 8.67 4.13
N LYS A 404 -9.99 7.62 4.67
CA LYS A 404 -10.49 6.27 4.48
C LYS A 404 -11.68 5.97 5.40
N SER A 405 -11.69 6.48 6.63
CA SER A 405 -12.90 6.39 7.44
C SER A 405 -14.04 7.13 6.77
N ALA A 406 -13.77 8.30 6.20
CA ALA A 406 -14.77 9.03 5.43
C ALA A 406 -15.29 8.21 4.29
N LYS A 407 -14.40 7.54 3.57
CA LYS A 407 -14.83 6.63 2.51
C LYS A 407 -15.76 5.55 3.05
N TYR A 408 -15.26 4.73 3.98
CA TYR A 408 -16.01 3.56 4.44
C TYR A 408 -17.35 3.95 5.04
N SER A 409 -17.47 5.18 5.55
CA SER A 409 -18.68 5.61 6.23
C SER A 409 -19.63 6.44 5.37
N LEU A 410 -19.16 7.11 4.34
CA LEU A 410 -20.10 7.86 3.51
C LEU A 410 -20.00 7.53 2.03
N PHE A 411 -18.79 7.37 1.51
CA PHE A 411 -18.59 7.15 0.09
C PHE A 411 -19.06 5.77 -0.32
N ASP A 412 -18.67 4.75 0.42
CA ASP A 412 -19.15 3.40 0.19
C ASP A 412 -20.65 3.31 0.44
N PRO A 413 -21.18 3.88 1.54
CA PRO A 413 -22.66 3.98 1.64
C PRO A 413 -23.29 4.75 0.50
N CYS A 414 -22.69 5.87 0.07
CA CYS A 414 -23.21 6.57 -1.10
C CYS A 414 -23.13 5.73 -2.35
N LYS A 415 -22.07 4.93 -2.48
CA LYS A 415 -21.92 4.07 -3.65
C LYS A 415 -23.00 3.01 -3.69
N GLU A 416 -23.19 2.29 -2.57
CA GLU A 416 -24.19 1.24 -2.50
C GLU A 416 -25.61 1.76 -2.40
N MET A 417 -25.80 3.04 -2.11
CA MET A 417 -27.12 3.66 -2.11
C MET A 417 -27.47 4.22 -3.50
N ALA A 418 -26.58 4.02 -4.47
CA ALA A 418 -26.84 4.41 -5.85
C ALA A 418 -27.10 3.23 -6.77
N TYR A 419 -26.84 1.99 -6.34
CA TYR A 419 -27.13 0.82 -7.15
C TYR A 419 -28.55 0.30 -6.95
N ILE A 420 -29.30 0.88 -6.02
CA ILE A 420 -30.68 0.46 -5.77
C ILE A 420 -31.58 0.66 -6.99
N PRO A 421 -31.49 1.77 -7.80
CA PRO A 421 -32.44 1.97 -8.90
C PRO A 421 -31.95 1.42 -10.23
N LEU A 422 -31.54 0.15 -10.24
CA LEU A 422 -30.98 -0.44 -11.45
C LEU A 422 -31.64 -1.78 -11.76
N ASP A 423 -31.16 -2.46 -12.79
CA ASP A 423 -31.53 -3.85 -13.00
C ASP A 423 -30.81 -4.72 -11.97
N GLU A 424 -31.32 -5.93 -11.76
CA GLU A 424 -30.75 -6.85 -10.79
C GLU A 424 -29.63 -7.70 -11.37
N ASP A 425 -29.37 -7.62 -12.67
CA ASP A 425 -28.22 -8.27 -13.27
C ASP A 425 -27.15 -7.31 -13.74
N THR A 426 -27.50 -6.05 -14.02
CA THR A 426 -26.47 -5.07 -14.28
C THR A 426 -25.66 -4.81 -13.00
N LYS A 427 -26.32 -4.76 -11.84
CA LYS A 427 -25.62 -4.46 -10.60
C LYS A 427 -24.64 -5.56 -10.21
N VAL A 428 -25.03 -6.82 -10.40
CA VAL A 428 -24.22 -7.94 -9.89
C VAL A 428 -22.85 -7.95 -10.55
N LYS A 429 -22.82 -7.88 -11.88
CA LYS A 429 -21.56 -7.88 -12.62
C LYS A 429 -21.08 -6.47 -12.94
N GLY A 430 -21.78 -5.45 -12.44
CA GLY A 430 -21.37 -4.09 -12.63
C GLY A 430 -20.61 -3.53 -11.46
N LYS A 431 -21.05 -3.80 -10.23
CA LYS A 431 -20.26 -3.39 -9.07
C LYS A 431 -19.26 -4.45 -8.63
N ALA A 432 -19.24 -5.61 -9.30
CA ALA A 432 -18.03 -6.43 -9.29
C ALA A 432 -16.97 -5.80 -10.20
N ALA A 433 -17.39 -5.38 -11.39
CA ALA A 433 -16.49 -4.67 -12.30
C ALA A 433 -15.98 -3.40 -11.66
N ILE A 434 -16.89 -2.59 -11.11
CA ILE A 434 -16.52 -1.29 -10.56
C ILE A 434 -15.45 -1.46 -9.49
N ASP A 435 -15.69 -2.37 -8.54
CA ASP A 435 -14.69 -2.65 -7.53
C ASP A 435 -13.38 -3.12 -8.17
N VAL A 436 -13.42 -4.29 -8.82
CA VAL A 436 -12.20 -5.01 -9.19
C VAL A 436 -11.35 -4.22 -10.18
N VAL A 437 -11.95 -3.45 -11.08
CA VAL A 437 -11.17 -2.72 -12.06
C VAL A 437 -11.50 -1.22 -12.03
N CYS A 438 -11.85 -0.70 -10.85
CA CYS A 438 -11.95 0.74 -10.69
C CYS A 438 -11.24 1.19 -9.41
N ASN A 439 -11.18 0.32 -8.39
CA ASN A 439 -10.29 0.63 -7.27
C ASN A 439 -8.84 0.44 -7.69
N PRO A 440 -8.43 -0.72 -8.22
CA PRO A 440 -7.10 -0.77 -8.84
C PRO A 440 -6.94 0.19 -9.99
N LEU A 441 -7.99 0.46 -10.77
CA LEU A 441 -7.86 1.41 -11.88
C LEU A 441 -7.57 2.82 -11.37
N GLY A 442 -8.31 3.27 -10.35
CA GLY A 442 -8.05 4.60 -9.81
C GLY A 442 -6.68 4.70 -9.14
N LYS A 443 -6.35 3.70 -8.32
CA LYS A 443 -5.04 3.73 -7.67
C LYS A 443 -3.92 3.59 -8.69
N SER A 444 -4.17 2.91 -9.81
CA SER A 444 -3.17 2.79 -10.87
C SER A 444 -3.06 4.06 -11.69
N GLY A 445 -4.14 4.81 -11.86
CA GLY A 445 -4.02 6.12 -12.47
C GLY A 445 -3.19 7.07 -11.63
N GLY A 446 -3.46 7.10 -10.33
CA GLY A 446 -2.63 7.89 -9.43
C GLY A 446 -1.18 7.41 -9.43
N ALA A 447 -0.99 6.09 -9.47
CA ALA A 447 0.34 5.52 -9.51
C ALA A 447 1.06 5.84 -10.81
N LEU A 448 0.33 5.86 -11.92
CA LEU A 448 0.92 6.25 -13.20
C LEU A 448 1.36 7.70 -13.18
N ILE A 449 0.54 8.58 -12.60
CA ILE A 449 0.95 9.97 -12.44
C ILE A 449 2.23 10.06 -11.62
N GLN A 450 2.25 9.38 -10.47
CA GLN A 450 3.40 9.45 -9.58
C GLN A 450 4.65 8.84 -10.20
N GLN A 451 4.50 7.77 -10.98
CA GLN A 451 5.63 7.10 -11.61
C GLN A 451 6.16 7.87 -12.82
N PHE A 452 5.29 8.52 -13.59
CA PHE A 452 5.77 9.45 -14.60
C PHE A 452 6.57 10.57 -13.94
N MET A 453 6.07 11.11 -12.84
CA MET A 453 6.80 12.18 -12.16
C MET A 453 8.09 11.67 -11.52
N ILE A 454 8.13 10.40 -11.11
CA ILE A 454 9.36 9.82 -10.59
C ILE A 454 10.40 9.70 -11.70
N LEU A 455 10.01 9.14 -12.85
CA LEU A 455 10.95 8.98 -13.94
C LEU A 455 11.28 10.31 -14.63
N SER A 456 10.52 11.36 -14.37
CA SER A 456 10.79 12.67 -14.95
C SER A 456 11.59 13.59 -14.04
N PHE A 457 11.31 13.57 -12.73
CA PHE A 457 11.96 14.47 -11.78
C PHE A 457 12.95 13.75 -10.86
N GLY A 458 13.18 12.46 -11.08
CA GLY A 458 14.09 11.73 -10.22
C GLY A 458 13.39 11.05 -9.05
N SER A 459 13.42 11.71 -7.89
CA SER A 459 12.78 11.17 -6.70
C SER A 459 11.32 11.64 -6.61
N LEU A 460 10.58 10.99 -5.72
CA LEU A 460 9.22 11.42 -5.43
C LEU A 460 9.17 12.68 -4.58
N ALA A 461 10.25 12.97 -3.84
CA ALA A 461 10.30 14.21 -3.06
C ALA A 461 10.38 15.43 -3.95
N ASN A 462 11.01 15.32 -5.12
CA ASN A 462 11.04 16.41 -6.08
C ASN A 462 9.71 16.60 -6.78
N SER A 463 8.78 15.66 -6.63
CA SER A 463 7.50 15.70 -7.33
C SER A 463 6.34 16.15 -6.45
N THR A 464 6.57 16.39 -5.17
CA THR A 464 5.49 16.74 -4.25
C THR A 464 4.82 18.11 -4.50
N PRO A 465 5.48 19.11 -5.10
CA PRO A 465 4.73 20.32 -5.47
C PRO A 465 3.66 20.05 -6.53
N TYR A 466 3.94 19.16 -7.49
CA TYR A 466 2.98 18.88 -8.54
C TYR A 466 1.93 17.85 -8.12
N LEU A 467 2.21 17.07 -7.07
CA LEU A 467 1.18 16.19 -6.51
C LEU A 467 0.00 16.99 -5.99
N GLY A 468 0.27 18.19 -5.44
CA GLY A 468 -0.81 19.01 -4.91
C GLY A 468 -1.67 19.65 -5.96
N MET A 469 -1.07 20.05 -7.10
CA MET A 469 -1.87 20.62 -8.18
C MET A 469 -2.76 19.55 -8.82
N ILE A 470 -2.21 18.36 -9.05
CA ILE A 470 -3.01 17.27 -9.59
C ILE A 470 -4.08 16.83 -8.59
N LEU A 471 -3.77 16.89 -7.30
CA LEU A 471 -4.76 16.55 -6.28
C LEU A 471 -5.97 17.46 -6.36
N LEU A 472 -5.75 18.76 -6.57
CA LEU A 472 -6.86 19.70 -6.70
C LEU A 472 -7.66 19.46 -7.98
N VAL A 473 -6.97 19.08 -9.07
CA VAL A 473 -7.67 18.85 -10.34
C VAL A 473 -8.56 17.61 -10.25
N ILE A 474 -8.06 16.53 -9.64
CA ILE A 474 -8.88 15.33 -9.52
C ILE A 474 -10.05 15.55 -8.59
N VAL A 475 -9.85 16.29 -7.50
CA VAL A 475 -10.94 16.56 -6.56
C VAL A 475 -11.97 17.50 -7.17
N THR A 476 -11.53 18.54 -7.88
CA THR A 476 -12.49 19.47 -8.47
C THR A 476 -13.32 18.82 -9.57
N ALA A 477 -12.86 17.70 -10.12
CA ALA A 477 -13.68 16.86 -10.98
C ALA A 477 -14.39 15.76 -10.20
N TRP A 478 -13.84 15.37 -9.05
CA TRP A 478 -14.53 14.47 -8.14
C TRP A 478 -15.84 15.08 -7.66
N LEU A 479 -15.81 16.36 -7.31
CA LEU A 479 -17.03 17.06 -6.94
C LEU A 479 -17.91 17.37 -8.15
N ALA A 480 -17.28 17.70 -9.28
CA ALA A 480 -18.04 17.98 -10.49
C ALA A 480 -18.73 16.74 -11.05
N ALA A 481 -18.25 15.55 -10.69
CA ALA A 481 -18.90 14.31 -11.08
C ALA A 481 -19.89 13.79 -10.03
N ALA A 482 -19.71 14.17 -8.76
CA ALA A 482 -20.70 13.85 -7.75
C ALA A 482 -21.96 14.66 -7.93
N LYS A 483 -21.83 15.94 -8.28
CA LYS A 483 -22.99 16.77 -8.57
C LYS A 483 -23.71 16.27 -9.82
N SER A 484 -22.97 15.84 -10.84
CA SER A 484 -23.58 15.26 -12.02
C SER A 484 -24.37 14.00 -11.66
N LEU A 485 -23.83 13.19 -10.76
CA LEU A 485 -24.56 12.04 -10.25
C LEU A 485 -25.63 12.45 -9.25
N GLU A 486 -25.43 13.56 -8.52
CA GLU A 486 -26.46 14.08 -7.62
C GLU A 486 -27.67 14.59 -8.38
N GLY A 487 -27.45 15.42 -9.39
CA GLY A 487 -28.54 15.91 -10.21
C GLY A 487 -29.26 14.85 -11.00
N GLN A 488 -28.71 13.64 -11.02
CA GLN A 488 -29.33 12.49 -11.64
C GLN A 488 -29.76 11.42 -10.64
N PHE A 489 -29.17 11.40 -9.45
CA PHE A 489 -29.73 10.66 -8.33
C PHE A 489 -30.96 11.34 -7.73
N ASN A 490 -31.08 12.65 -7.89
CA ASN A 490 -32.28 13.39 -7.51
C ASN A 490 -33.39 13.30 -8.55
N SER A 491 -33.05 13.09 -9.82
CA SER A 491 -34.02 13.08 -10.91
C SER A 491 -34.58 11.69 -11.20
N LEU A 492 -34.13 10.68 -10.48
CA LEU A 492 -34.84 9.40 -10.40
C LEU A 492 -35.54 9.30 -9.05
N ARG A 493 -36.02 10.45 -8.58
CA ARG A 493 -36.80 10.67 -7.38
C ARG A 493 -37.58 11.96 -7.62
N SER A 494 -38.57 12.22 -6.78
CA SER A 494 -39.44 13.40 -6.92
C SER A 494 -38.69 14.69 -7.24
N GLU B 1 27.07 25.16 -6.53
CA GLU B 1 27.20 25.38 -5.10
C GLU B 1 27.31 24.06 -4.34
N VAL B 2 27.35 22.96 -5.09
CA VAL B 2 27.47 21.63 -4.50
C VAL B 2 28.94 21.35 -4.22
N GLN B 3 29.25 20.99 -2.97
CA GLN B 3 30.61 20.70 -2.56
C GLN B 3 30.64 19.45 -1.70
N LEU B 4 31.74 18.69 -1.82
CA LEU B 4 31.97 17.50 -1.02
C LEU B 4 33.38 17.57 -0.46
N VAL B 5 33.52 17.47 0.85
CA VAL B 5 34.80 17.51 1.53
C VAL B 5 34.97 16.23 2.32
N GLU B 6 36.11 15.58 2.15
CA GLU B 6 36.35 14.27 2.73
C GLU B 6 37.33 14.40 3.89
N SER B 7 37.20 13.53 4.87
CA SER B 7 38.12 13.53 6.00
C SER B 7 38.18 12.14 6.60
N GLY B 8 39.10 11.95 7.54
CA GLY B 8 39.25 10.70 8.27
C GLY B 8 40.36 9.80 7.78
N GLY B 9 40.89 10.04 6.58
CA GLY B 9 41.96 9.20 6.07
C GLY B 9 43.25 9.37 6.85
N GLY B 10 44.02 8.30 6.92
CA GLY B 10 45.28 8.36 7.66
C GLY B 10 45.95 7.00 7.68
N LEU B 11 46.97 6.90 8.52
CA LEU B 11 47.76 5.68 8.68
C LEU B 11 47.11 4.74 9.68
N VAL B 12 46.95 3.49 9.30
CA VAL B 12 46.57 2.41 10.21
C VAL B 12 47.37 1.15 9.88
N GLN B 13 47.48 0.29 10.87
CA GLN B 13 48.09 -1.02 10.67
C GLN B 13 47.13 -1.93 9.94
N ALA B 14 47.69 -3.01 9.37
CA ALA B 14 46.85 -4.01 8.71
C ALA B 14 45.89 -4.64 9.70
N GLY B 15 44.61 -4.70 9.33
CA GLY B 15 43.58 -5.18 10.22
C GLY B 15 42.95 -4.11 11.09
N GLY B 16 43.36 -2.85 10.96
CA GLY B 16 42.80 -1.76 11.74
C GLY B 16 41.47 -1.30 11.16
N SER B 17 41.07 -0.09 11.57
CA SER B 17 39.79 0.45 11.15
C SER B 17 39.90 1.95 10.94
N LEU B 18 39.11 2.45 9.98
CA LEU B 18 38.96 3.87 9.71
C LEU B 18 37.51 4.21 9.41
N ARG B 19 37.21 5.49 9.53
CA ARG B 19 35.88 6.02 9.23
C ARG B 19 36.04 7.29 8.42
N LEU B 20 35.86 7.18 7.11
CA LEU B 20 35.93 8.35 6.24
C LEU B 20 34.63 9.12 6.31
N SER B 21 34.74 10.45 6.36
CA SER B 21 33.59 11.34 6.50
C SER B 21 33.43 12.17 5.24
N CYS B 22 32.17 12.35 4.82
CA CYS B 22 31.81 13.13 3.64
C CYS B 22 30.84 14.25 4.03
N ALA B 23 31.36 15.42 4.32
CA ALA B 23 30.51 16.59 4.56
C ALA B 23 30.05 17.15 3.23
N ALA B 24 28.73 17.18 3.04
CA ALA B 24 28.13 17.64 1.79
C ALA B 24 27.46 19.00 1.99
N SER B 25 27.53 19.82 0.96
CA SER B 25 26.91 21.14 0.97
C SER B 25 26.22 21.39 -0.35
N GLY B 26 25.06 22.04 -0.30
CA GLY B 26 24.29 22.34 -1.48
C GLY B 26 23.21 21.34 -1.84
N PHE B 27 23.06 20.26 -1.06
CA PHE B 27 22.05 19.25 -1.32
C PHE B 27 21.88 18.36 -0.10
N PRO B 28 20.68 17.84 0.15
CA PRO B 28 20.50 16.87 1.25
C PRO B 28 20.99 15.48 0.82
N VAL B 29 21.75 14.84 1.71
CA VAL B 29 22.32 13.54 1.37
C VAL B 29 21.28 12.43 1.33
N ASP B 30 20.13 12.61 1.97
CA ASP B 30 19.08 11.61 1.93
C ASP B 30 18.35 11.56 0.61
N GLU B 31 18.47 12.59 -0.21
CA GLU B 31 17.82 12.63 -1.51
C GLU B 31 18.80 12.34 -2.65
N ALA B 32 20.03 11.94 -2.32
CA ALA B 32 21.10 11.85 -3.27
C ALA B 32 21.66 10.43 -3.34
N TYR B 33 22.26 10.13 -4.47
CA TYR B 33 22.96 8.87 -4.70
C TYR B 33 24.45 9.10 -4.46
N MET B 34 24.93 8.60 -3.32
CA MET B 34 26.30 8.86 -2.87
C MET B 34 27.15 7.62 -3.07
N THR B 35 28.40 7.83 -3.48
CA THR B 35 29.32 6.73 -3.74
C THR B 35 30.70 7.06 -3.18
N TRP B 36 31.43 6.02 -2.81
CA TRP B 36 32.84 6.11 -2.46
C TRP B 36 33.67 5.39 -3.50
N TYR B 37 34.64 6.10 -4.07
CA TYR B 37 35.62 5.53 -4.97
C TYR B 37 36.99 5.52 -4.29
N ARG B 38 37.90 4.73 -4.83
CA ARG B 38 39.29 4.78 -4.41
C ARG B 38 40.20 4.65 -5.63
N GLN B 39 41.34 5.31 -5.57
CA GLN B 39 42.32 5.30 -6.65
C GLN B 39 43.71 5.15 -6.06
N ALA B 40 44.40 4.12 -6.48
CA ALA B 40 45.79 3.98 -6.07
C ALA B 40 46.71 4.39 -7.22
N PRO B 41 47.88 4.94 -6.91
CA PRO B 41 48.82 5.31 -7.98
C PRO B 41 49.20 4.09 -8.82
N GLY B 42 49.05 4.23 -10.13
CA GLY B 42 49.30 3.14 -11.05
C GLY B 42 48.07 2.37 -11.48
N LYS B 43 46.94 2.55 -10.80
CA LYS B 43 45.69 1.88 -11.15
C LYS B 43 44.60 2.91 -11.39
N GLU B 44 43.59 2.48 -12.16
CA GLU B 44 42.46 3.35 -12.46
C GLU B 44 41.53 3.47 -11.26
N ARG B 45 40.72 4.53 -11.27
CA ARG B 45 39.80 4.78 -10.16
C ARG B 45 38.79 3.66 -10.04
N GLU B 46 38.64 3.14 -8.82
CA GLU B 46 37.81 1.96 -8.56
C GLU B 46 36.65 2.36 -7.65
N TRP B 47 35.45 1.90 -8.01
CA TRP B 47 34.26 2.14 -7.20
C TRP B 47 34.27 1.20 -6.00
N VAL B 48 34.02 1.75 -4.82
CA VAL B 48 34.11 0.98 -3.58
C VAL B 48 32.73 0.70 -3.02
N ALA B 49 31.97 1.75 -2.71
CA ALA B 49 30.68 1.60 -2.06
C ALA B 49 29.70 2.62 -2.63
N ALA B 50 28.42 2.37 -2.40
CA ALA B 50 27.37 3.25 -2.87
C ALA B 50 26.17 3.17 -1.93
N ILE B 51 25.54 4.31 -1.67
CA ILE B 51 24.33 4.39 -0.87
C ILE B 51 23.28 5.16 -1.67
N TYR B 52 22.03 4.73 -1.57
CA TYR B 52 20.93 5.33 -2.30
C TYR B 52 20.05 6.14 -1.37
N SER B 53 19.20 6.98 -1.97
CA SER B 53 18.27 7.79 -1.19
C SER B 53 17.33 6.92 -0.36
N SER B 54 17.05 5.70 -0.83
CA SER B 54 16.26 4.75 -0.06
C SER B 54 17.04 4.13 1.09
N GLY B 55 18.33 4.44 1.22
CA GLY B 55 19.17 3.80 2.21
C GLY B 55 19.76 2.48 1.76
N TYR B 56 19.49 2.05 0.54
CA TYR B 56 20.04 0.80 0.04
C TYR B 56 21.54 0.93 -0.19
N THR B 57 22.29 -0.07 0.24
CA THR B 57 23.75 -0.02 0.20
C THR B 57 24.28 -1.10 -0.72
N ARG B 58 25.27 -0.73 -1.54
CA ARG B 58 25.93 -1.65 -2.44
C ARG B 58 27.43 -1.54 -2.26
N TYR B 59 28.13 -2.67 -2.34
CA TYR B 59 29.56 -2.72 -2.06
C TYR B 59 30.28 -3.52 -3.14
N ALA B 60 31.55 -3.20 -3.34
CA ALA B 60 32.40 -3.98 -4.24
C ALA B 60 32.82 -5.28 -3.55
N ASP B 61 33.10 -6.30 -4.36
CA ASP B 61 33.45 -7.60 -3.82
C ASP B 61 34.72 -7.55 -2.98
N SER B 62 35.66 -6.68 -3.34
CA SER B 62 36.92 -6.58 -2.60
C SER B 62 36.75 -5.92 -1.23
N VAL B 63 35.62 -5.26 -0.97
CA VAL B 63 35.41 -4.57 0.30
C VAL B 63 34.13 -5.07 0.96
N LYS B 64 33.39 -5.94 0.27
CA LYS B 64 32.12 -6.41 0.79
C LYS B 64 32.33 -7.22 2.06
N GLY B 65 31.61 -6.83 3.12
CA GLY B 65 31.75 -7.42 4.43
C GLY B 65 32.66 -6.64 5.36
N ARG B 66 33.67 -5.97 4.81
CA ARG B 66 34.59 -5.17 5.62
C ARG B 66 34.20 -3.70 5.67
N PHE B 67 33.69 -3.16 4.57
CA PHE B 67 33.32 -1.76 4.50
C PHE B 67 31.81 -1.61 4.70
N THR B 68 31.42 -0.44 5.20
CA THR B 68 30.01 -0.15 5.44
C THR B 68 29.76 1.34 5.17
N ILE B 69 28.90 1.63 4.22
CA ILE B 69 28.53 3.01 3.88
C ILE B 69 27.22 3.36 4.58
N SER B 70 27.17 4.55 5.16
CA SER B 70 25.99 5.04 5.85
C SER B 70 25.95 6.55 5.69
N ARG B 71 24.97 7.17 6.33
CA ARG B 71 24.84 8.63 6.27
C ARG B 71 24.10 9.14 7.49
N ASP B 72 24.45 10.36 7.89
CA ASP B 72 23.75 11.07 8.95
C ASP B 72 22.99 12.23 8.31
N ASN B 73 21.66 12.17 8.39
CA ASN B 73 20.81 13.20 7.83
C ASN B 73 20.96 14.54 8.55
N SER B 74 21.03 14.51 9.88
CA SER B 74 21.14 15.75 10.64
C SER B 74 22.43 16.49 10.31
N LYS B 75 23.54 15.75 10.21
CA LYS B 75 24.82 16.33 9.87
C LYS B 75 25.04 16.49 8.37
N ASN B 76 24.14 15.93 7.55
CA ASN B 76 24.30 15.92 6.09
C ASN B 76 25.66 15.35 5.69
N THR B 77 26.00 14.21 6.29
CA THR B 77 27.29 13.57 6.11
C THR B 77 27.10 12.12 5.68
N VAL B 78 28.02 11.64 4.86
CA VAL B 78 28.06 10.25 4.41
C VAL B 78 29.33 9.61 4.93
N TYR B 79 29.19 8.48 5.60
CA TYR B 79 30.32 7.83 6.25
C TYR B 79 30.67 6.52 5.53
N LEU B 80 31.96 6.20 5.55
CA LEU B 80 32.46 4.91 5.07
C LEU B 80 33.30 4.29 6.19
N GLN B 81 32.73 3.31 6.88
CA GLN B 81 33.44 2.60 7.94
C GLN B 81 34.20 1.44 7.33
N MET B 82 35.54 1.50 7.39
CA MET B 82 36.41 0.51 6.79
C MET B 82 37.04 -0.32 7.91
N ASN B 83 36.60 -1.56 8.04
CA ASN B 83 37.10 -2.48 9.06
C ASN B 83 37.97 -3.55 8.42
N SER B 84 38.85 -4.14 9.24
CA SER B 84 39.77 -5.19 8.79
C SER B 84 40.57 -4.74 7.57
N LEU B 85 41.20 -3.58 7.70
CA LEU B 85 41.86 -2.95 6.57
C LEU B 85 43.08 -3.75 6.13
N LYS B 86 43.13 -4.09 4.85
CA LYS B 86 44.25 -4.77 4.23
C LYS B 86 45.23 -3.75 3.64
N PRO B 87 46.49 -4.12 3.47
CA PRO B 87 47.44 -3.21 2.82
C PRO B 87 47.05 -2.85 1.39
N GLU B 88 46.21 -3.65 0.75
CA GLU B 88 45.73 -3.37 -0.60
C GLU B 88 44.64 -2.31 -0.63
N ASP B 89 44.17 -1.87 0.54
CA ASP B 89 43.18 -0.79 0.62
C ASP B 89 43.81 0.59 0.60
N THR B 90 45.14 0.67 0.48
CA THR B 90 45.82 1.96 0.44
C THR B 90 45.52 2.66 -0.88
N ALA B 91 44.79 3.78 -0.80
CA ALA B 91 44.42 4.55 -1.98
C ALA B 91 43.86 5.88 -1.51
N VAL B 92 43.61 6.77 -2.48
CA VAL B 92 42.91 8.02 -2.22
C VAL B 92 41.42 7.77 -2.44
N TYR B 93 40.62 7.99 -1.40
CA TYR B 93 39.20 7.69 -1.44
C TYR B 93 38.41 8.94 -1.76
N TYR B 94 37.57 8.86 -2.79
CA TYR B 94 36.77 9.97 -3.27
C TYR B 94 35.30 9.71 -3.00
N CYS B 95 34.63 10.70 -2.41
CA CYS B 95 33.19 10.68 -2.21
C CYS B 95 32.53 11.48 -3.33
N ASN B 96 31.42 10.95 -3.85
CA ASN B 96 30.85 11.45 -5.10
C ASN B 96 29.34 11.41 -5.04
N VAL B 97 28.68 12.55 -5.29
CA VAL B 97 27.24 12.61 -5.51
C VAL B 97 27.00 12.61 -7.01
N LYS B 98 26.00 11.84 -7.45
CA LYS B 98 25.86 11.56 -8.87
C LYS B 98 24.40 11.32 -9.21
N ASP B 99 24.05 11.61 -10.46
CA ASP B 99 22.73 11.34 -11.00
C ASP B 99 22.84 11.10 -12.49
N TYR B 100 22.11 10.10 -12.99
CA TYR B 100 22.16 9.72 -14.39
C TYR B 100 20.95 8.87 -14.71
N VAL B 101 20.66 8.71 -16.00
CA VAL B 101 19.47 7.97 -16.42
C VAL B 101 19.87 6.65 -17.08
N TYR B 102 20.53 6.69 -18.23
CA TYR B 102 21.16 5.48 -18.74
C TYR B 102 22.64 5.69 -19.00
N ASN B 103 22.99 6.71 -19.78
CA ASN B 103 24.37 7.11 -19.98
C ASN B 103 24.52 8.62 -20.01
N THR B 104 23.44 9.36 -19.80
CA THR B 104 23.46 10.82 -19.71
C THR B 104 23.59 11.19 -18.25
N TYR B 105 24.74 11.76 -17.89
CA TYR B 105 25.03 12.11 -16.50
C TYR B 105 24.48 13.50 -16.22
N LEU B 106 23.40 13.56 -15.44
CA LEU B 106 22.74 14.84 -15.18
C LEU B 106 23.63 15.76 -14.35
N TYR B 107 24.22 15.23 -13.29
CA TYR B 107 25.26 15.95 -12.56
C TYR B 107 26.20 14.94 -11.91
N ASP B 108 27.44 15.38 -11.68
CA ASP B 108 28.47 14.50 -11.14
C ASP B 108 29.46 15.37 -10.39
N TYR B 109 29.36 15.37 -9.06
CA TYR B 109 30.20 16.18 -8.21
C TYR B 109 31.11 15.29 -7.38
N TRP B 110 32.41 15.59 -7.40
CA TRP B 110 33.42 14.82 -6.70
C TRP B 110 33.97 15.61 -5.52
N GLY B 111 34.62 14.90 -4.62
CA GLY B 111 35.45 15.50 -3.60
C GLY B 111 36.91 15.47 -4.01
N GLN B 112 37.74 16.16 -3.23
CA GLN B 112 39.16 16.20 -3.49
C GLN B 112 39.89 14.97 -2.94
N GLY B 113 39.17 14.08 -2.28
CA GLY B 113 39.75 12.83 -1.83
C GLY B 113 40.46 12.94 -0.50
N THR B 114 40.70 11.78 0.11
CA THR B 114 41.47 11.68 1.34
C THR B 114 42.33 10.43 1.27
N GLN B 115 43.57 10.55 1.72
CA GLN B 115 44.53 9.46 1.59
C GLN B 115 44.35 8.45 2.72
N VAL B 116 44.21 7.18 2.34
CA VAL B 116 44.17 6.07 3.29
C VAL B 116 45.37 5.19 3.01
N THR B 117 46.20 4.96 4.03
CA THR B 117 47.37 4.10 3.92
C THR B 117 47.32 3.05 5.01
N VAL B 118 47.55 1.80 4.61
CA VAL B 118 47.53 0.65 5.53
C VAL B 118 48.94 0.09 5.58
N SER B 119 49.57 0.16 6.75
CA SER B 119 50.94 -0.27 6.92
C SER B 119 51.01 -1.79 7.03
N SER B 120 52.23 -2.31 7.10
CA SER B 120 52.46 -3.75 7.15
C SER B 120 53.57 -4.10 8.14
PB ADP C . -9.22 1.31 0.35
O1B ADP C . -9.72 1.16 1.71
O2B ADP C . -9.61 2.60 -0.25
O3B ADP C . -7.78 1.10 0.24
PA ADP C . -9.52 -1.30 -0.65
O1A ADP C . -9.51 -1.70 -2.05
O2A ADP C . -8.37 -1.48 0.19
O3A ADP C . -9.91 0.23 -0.58
O5' ADP C . -10.69 -2.13 -0.02
C5' ADP C . -11.58 -2.84 -0.83
C4' ADP C . -12.91 -2.60 -0.20
O4' ADP C . -12.78 -2.97 1.14
C3' ADP C . -13.19 -1.14 -0.24
O3' ADP C . -14.49 -0.87 -0.69
C2' ADP C . -13.14 -0.73 1.18
O2' ADP C . -14.15 0.23 1.36
C1' ADP C . -13.44 -2.01 1.92
N9 ADP C . -12.84 -1.85 3.23
C8 ADP C . -11.57 -1.96 3.48
N7 ADP C . -11.34 -1.72 4.76
C5 ADP C . -12.50 -1.44 5.33
C6 ADP C . -12.95 -1.08 6.65
N6 ADP C . -12.08 -0.99 7.66
N1 ADP C . -14.23 -0.85 6.83
C2 ADP C . -15.09 -0.94 5.85
N3 ADP C . -14.74 -1.27 4.62
C4 ADP C . -13.49 -1.52 4.32
P PO4 D . -3.39 0.80 -0.16
O1 PO4 D . -2.56 1.12 1.13
O2 PO4 D . -2.41 0.50 -1.34
O3 PO4 D . -4.30 -0.46 0.11
O4 PO4 D . -4.31 2.02 -0.53
#